data_6UJF
#
_entry.id   6UJF
#
_cell.length_a   57.020
_cell.length_b   46.530
_cell.length_c   61.090
_cell.angle_alpha   90.000
_cell.angle_beta   94.500
_cell.angle_gamma   90.000
#
_symmetry.space_group_name_H-M   'P 1 21 1'
#
loop_
_entity.id
_entity.type
_entity.pdbx_description
1 polymer Endoglucanase
2 non-polymer beta-D-glucopyranose
3 water water
#
_entity_poly.entity_id   1
_entity_poly.type   'polypeptide(L)'
_entity_poly.pdbx_seq_one_letter_code
;MRDNSDTVKMKRGINIGNALESPKDFPWDVKMSNKFFDDIKDAGFDTVRIPVRFSDYTSDSDNFKIDEDFFKKIDKYVDY
ALDKDLIVVLDLHHFEEIMKEPRVHKEKFLKIWQQIANRYQKYDKKLVFELLNEPKENLYSQLLNEYIEEAIKIIRKTNP
KRTIIVGPYNFYQIDYLNELNIPKDSNIVVSFHYYEPNDFAFQGNIYHKGFEHLSNITWEGTNEQMDYLKKRFDTVENWA
NKNNVKIFLGEFGVTKEAPETSRRAWVKAVREEAEKRNFSWAYWELASGFGIYNQIEGTWDRDILSALIEKRLEHHHHHH
;
_entity_poly.pdbx_strand_id   A
#
loop_
_chem_comp.id
_chem_comp.type
_chem_comp.name
_chem_comp.formula
BGC D-saccharide, beta linking beta-D-glucopyranose 'C6 H12 O6'
#
# COMPACT_ATOMS: atom_id res chain seq x y z
N LYS A 9 -6.30 13.73 -7.74
CA LYS A 9 -5.64 12.88 -8.72
C LYS A 9 -5.94 11.40 -8.51
N MET A 10 -5.54 10.87 -7.37
CA MET A 10 -5.68 9.44 -7.12
C MET A 10 -7.12 9.10 -6.81
N LYS A 11 -7.61 8.00 -7.39
CA LYS A 11 -8.92 7.51 -7.01
C LYS A 11 -8.94 5.99 -7.08
N ARG A 12 -8.78 5.44 -8.28
CA ARG A 12 -8.92 4.01 -8.54
C ARG A 12 -7.53 3.42 -8.75
N GLY A 13 -7.08 2.60 -7.78
CA GLY A 13 -5.74 2.06 -7.79
C GLY A 13 -5.70 0.56 -7.58
N ILE A 14 -4.54 -0.03 -7.88
CA ILE A 14 -4.34 -1.44 -7.61
C ILE A 14 -2.88 -1.69 -7.25
N ASN A 15 -2.67 -2.63 -6.34
CA ASN A 15 -1.34 -3.06 -5.90
C ASN A 15 -0.81 -4.15 -6.82
N ILE A 16 0.45 -4.03 -7.23
CA ILE A 16 1.16 -5.18 -7.80
C ILE A 16 1.91 -5.80 -6.64
N GLY A 17 1.25 -6.77 -5.98
CA GLY A 17 1.74 -7.35 -4.75
C GLY A 17 2.36 -8.72 -4.93
N ASN A 18 3.16 -9.10 -3.93
CA ASN A 18 3.95 -10.32 -3.93
C ASN A 18 4.86 -10.38 -5.16
N ALA A 19 5.41 -9.22 -5.49
CA ALA A 19 6.32 -9.04 -6.62
C ALA A 19 7.69 -8.60 -6.12
N LEU A 20 7.94 -7.28 -6.16
CA LEU A 20 9.21 -6.67 -5.78
C LEU A 20 9.42 -6.54 -4.27
N GLU A 21 8.38 -6.69 -3.45
CA GLU A 21 8.54 -6.79 -2.01
C GLU A 21 8.97 -8.17 -1.56
N SER A 22 9.19 -9.08 -2.51
CA SER A 22 9.73 -10.40 -2.22
C SER A 22 11.09 -10.27 -1.54
N PRO A 23 11.49 -11.27 -0.75
CA PRO A 23 12.87 -11.30 -0.24
C PRO A 23 13.88 -11.30 -1.39
N LYS A 24 15.06 -10.74 -1.14
CA LYS A 24 16.05 -10.64 -2.21
C LYS A 24 16.38 -12.00 -2.79
N ASP A 25 16.42 -13.04 -1.96
CA ASP A 25 16.86 -14.34 -2.42
C ASP A 25 15.74 -15.34 -2.61
N PHE A 26 14.49 -14.92 -2.44
CA PHE A 26 13.34 -15.79 -2.70
C PHE A 26 12.22 -14.99 -3.36
N PRO A 27 12.07 -15.11 -4.67
CA PRO A 27 10.96 -14.42 -5.33
C PRO A 27 9.65 -15.11 -5.05
N TRP A 28 8.57 -14.31 -5.01
CA TRP A 28 7.24 -14.81 -4.78
C TRP A 28 6.50 -14.95 -6.13
N ASP A 29 5.21 -15.28 -6.07
CA ASP A 29 4.51 -15.92 -7.18
C ASP A 29 4.07 -14.97 -8.29
N VAL A 30 4.41 -13.68 -8.24
CA VAL A 30 4.03 -12.72 -9.26
C VAL A 30 5.30 -12.11 -9.86
N LYS A 31 5.38 -12.12 -11.18
CA LYS A 31 6.56 -11.66 -11.89
C LYS A 31 6.25 -10.31 -12.54
N MET A 32 6.87 -9.25 -12.01
CA MET A 32 6.61 -7.91 -12.52
C MET A 32 6.94 -7.82 -14.00
N SER A 33 6.07 -7.12 -14.74
CA SER A 33 6.10 -7.09 -16.19
C SER A 33 5.40 -5.84 -16.68
N ASN A 34 5.98 -5.19 -17.71
CA ASN A 34 5.41 -3.94 -18.24
C ASN A 34 3.99 -4.13 -18.75
N LYS A 35 3.64 -5.33 -19.25
CA LYS A 35 2.29 -5.56 -19.71
C LYS A 35 1.26 -5.28 -18.63
N PHE A 36 1.62 -5.53 -17.36
CA PHE A 36 0.77 -5.19 -16.23
C PHE A 36 0.28 -3.75 -16.31
N PHE A 37 1.20 -2.81 -16.53
CA PHE A 37 0.81 -1.40 -16.52
C PHE A 37 -0.11 -1.07 -17.70
N ASP A 38 0.06 -1.76 -18.82
CA ASP A 38 -0.87 -1.58 -19.95
C ASP A 38 -2.27 -2.01 -19.55
N ASP A 39 -2.39 -3.20 -18.94
CA ASP A 39 -3.71 -3.73 -18.62
C ASP A 39 -4.37 -3.00 -17.46
N ILE A 40 -3.58 -2.57 -16.47
CA ILE A 40 -4.10 -1.75 -15.39
C ILE A 40 -4.65 -0.43 -15.93
N LYS A 41 -3.85 0.27 -16.72
CA LYS A 41 -4.30 1.53 -17.32
C LYS A 41 -5.57 1.34 -18.13
N ASP A 42 -5.60 0.28 -18.95
CA ASP A 42 -6.75 0.08 -19.82
C ASP A 42 -7.99 -0.35 -19.06
N ALA A 43 -7.84 -0.87 -17.82
CA ALA A 43 -8.98 -1.29 -17.01
C ALA A 43 -9.71 -0.14 -16.35
N GLY A 44 -9.19 1.08 -16.41
CA GLY A 44 -9.78 2.21 -15.74
C GLY A 44 -9.07 2.69 -14.48
N PHE A 45 -7.95 2.07 -14.09
CA PHE A 45 -7.23 2.52 -12.91
C PHE A 45 -6.37 3.74 -13.26
N ASP A 46 -6.40 4.76 -12.40
CA ASP A 46 -5.48 5.87 -12.50
C ASP A 46 -4.22 5.71 -11.67
N THR A 47 -4.18 4.77 -10.70
CA THR A 47 -3.05 4.65 -9.77
C THR A 47 -2.59 3.21 -9.61
N VAL A 48 -1.28 3.01 -9.62
CA VAL A 48 -0.67 1.72 -9.33
C VAL A 48 0.21 1.87 -8.10
N ARG A 49 0.15 0.89 -7.19
CA ARG A 49 1.01 0.83 -6.01
C ARG A 49 2.03 -0.29 -6.18
N ILE A 50 3.30 0.01 -5.93
CA ILE A 50 4.40 -0.91 -6.15
C ILE A 50 5.16 -1.11 -4.84
N PRO A 51 4.87 -2.20 -4.12
CA PRO A 51 5.68 -2.49 -2.91
C PRO A 51 7.07 -2.94 -3.30
N VAL A 52 8.08 -2.40 -2.61
CA VAL A 52 9.48 -2.69 -2.91
C VAL A 52 10.25 -2.84 -1.61
N ARG A 53 10.89 -3.99 -1.42
CA ARG A 53 11.63 -4.27 -0.21
C ARG A 53 13.09 -3.88 -0.46
N PHE A 54 13.31 -2.56 -0.52
CA PHE A 54 14.66 -2.03 -0.75
C PHE A 54 15.62 -2.48 0.35
N SER A 55 15.10 -2.73 1.55
CA SER A 55 15.94 -3.10 2.68
C SER A 55 16.70 -4.39 2.43
N ASP A 56 16.29 -5.22 1.47
CA ASP A 56 17.05 -6.43 1.17
C ASP A 56 18.17 -6.21 0.15
N TYR A 57 18.38 -5.00 -0.32
CA TYR A 57 19.33 -4.74 -1.40
C TYR A 57 20.36 -3.70 -1.00
N THR A 58 20.60 -3.56 0.30
CA THR A 58 21.54 -2.59 0.83
C THR A 58 22.82 -3.29 1.25
N SER A 59 23.95 -2.61 1.04
CA SER A 59 25.20 -2.96 1.70
C SER A 59 25.03 -2.74 3.20
N ASP A 60 24.90 -3.83 3.95
CA ASP A 60 24.58 -3.74 5.36
C ASP A 60 25.83 -3.45 6.21
N ASP A 62 27.44 -0.24 5.89
CA ASP A 62 28.40 0.82 5.58
C ASP A 62 27.68 2.17 5.41
N ASN A 63 27.41 2.59 4.18
CA ASN A 63 26.58 3.75 3.90
C ASN A 63 25.17 3.35 3.47
N PHE A 64 24.90 2.04 3.42
CA PHE A 64 23.62 1.47 3.04
C PHE A 64 23.22 1.87 1.61
N LYS A 65 24.13 1.55 0.68
CA LYS A 65 23.97 1.84 -0.74
C LYS A 65 23.07 0.81 -1.40
N ILE A 66 21.97 1.27 -2.00
CA ILE A 66 21.05 0.35 -2.67
C ILE A 66 21.75 -0.23 -3.91
N ASP A 67 21.77 -1.56 -4.01
CA ASP A 67 22.25 -2.28 -5.18
C ASP A 67 21.80 -1.60 -6.48
N GLU A 68 22.77 -1.18 -7.29
CA GLU A 68 22.42 -0.41 -8.50
C GLU A 68 21.66 -1.28 -9.50
N ASP A 69 22.06 -2.54 -9.67
CA ASP A 69 21.32 -3.48 -10.50
C ASP A 69 19.83 -3.42 -10.20
N PHE A 70 19.45 -3.89 -9.00
CA PHE A 70 18.06 -3.82 -8.57
C PHE A 70 17.48 -2.43 -8.77
N PHE A 71 18.23 -1.39 -8.38
CA PHE A 71 17.73 -0.02 -8.55
C PHE A 71 17.37 0.28 -10.00
N LYS A 72 18.18 -0.22 -10.94
CA LYS A 72 17.85 -0.05 -12.35
C LYS A 72 16.55 -0.76 -12.69
N LYS A 73 16.33 -1.95 -12.12
CA LYS A 73 15.04 -2.60 -12.30
C LYS A 73 13.89 -1.66 -11.95
N ILE A 74 14.04 -0.88 -10.87
CA ILE A 74 12.97 0.03 -10.47
C ILE A 74 12.82 1.19 -11.46
N ASP A 75 13.93 1.66 -12.04
CA ASP A 75 13.82 2.65 -13.11
C ASP A 75 12.98 2.13 -14.26
N LYS A 76 13.21 0.87 -14.65
CA LYS A 76 12.51 0.30 -15.80
C LYS A 76 11.00 0.44 -15.63
N TYR A 77 10.46 -0.11 -14.52
CA TYR A 77 9.01 -0.18 -14.36
C TYR A 77 8.40 1.17 -13.99
N VAL A 78 9.05 1.95 -13.14
CA VAL A 78 8.50 3.25 -12.77
C VAL A 78 8.36 4.13 -14.02
N ASP A 79 9.43 4.18 -14.83
CA ASP A 79 9.39 4.96 -16.06
C ASP A 79 8.26 4.49 -16.97
N TYR A 80 8.17 3.17 -17.19
CA TYR A 80 7.11 2.63 -18.03
C TYR A 80 5.74 2.99 -17.48
N ALA A 81 5.49 2.65 -16.21
CA ALA A 81 4.24 3.04 -15.57
C ALA A 81 4.00 4.53 -15.73
N LEU A 82 5.00 5.35 -15.41
CA LEU A 82 4.83 6.79 -15.51
C LEU A 82 4.58 7.23 -16.96
N ASP A 83 5.17 6.53 -17.94
CA ASP A 83 4.91 6.88 -19.32
C ASP A 83 3.59 6.29 -19.85
N LYS A 84 2.67 5.91 -18.97
CA LYS A 84 1.29 5.64 -19.36
C LYS A 84 0.32 6.57 -18.66
N ASP A 85 0.81 7.63 -18.04
CA ASP A 85 -0.01 8.54 -17.26
C ASP A 85 -0.62 7.85 -16.03
N LEU A 86 0.07 6.85 -15.46
CA LEU A 86 -0.36 6.27 -14.19
C LEU A 86 0.30 7.01 -13.03
N ILE A 87 -0.45 7.20 -11.95
CA ILE A 87 0.17 7.60 -10.69
C ILE A 87 0.86 6.38 -10.10
N VAL A 88 2.09 6.55 -9.65
CA VAL A 88 2.88 5.42 -9.14
C VAL A 88 3.23 5.74 -7.70
N VAL A 89 2.70 4.94 -6.77
CA VAL A 89 3.08 5.02 -5.37
C VAL A 89 4.25 4.05 -5.13
N LEU A 90 5.46 4.58 -4.92
CA LEU A 90 6.63 3.76 -4.58
C LEU A 90 6.66 3.56 -3.09
N ASP A 91 6.63 2.30 -2.65
CA ASP A 91 6.27 1.93 -1.30
C ASP A 91 7.35 1.05 -0.67
N LEU A 92 8.00 1.56 0.37
CA LEU A 92 9.03 0.79 1.08
C LEU A 92 8.33 -0.23 1.97
N HIS A 93 8.35 -1.48 1.50
CA HIS A 93 7.49 -2.56 1.96
C HIS A 93 8.34 -3.64 2.61
N HIS A 94 7.84 -4.18 3.73
CA HIS A 94 8.44 -5.35 4.38
C HIS A 94 9.86 -5.06 4.89
N PHE A 95 10.08 -3.88 5.43
CA PHE A 95 11.32 -3.58 6.15
C PHE A 95 11.20 -4.22 7.54
N GLU A 96 11.56 -5.50 7.63
CA GLU A 96 11.23 -6.28 8.82
CA GLU A 96 11.23 -6.29 8.81
C GLU A 96 12.14 -5.96 10.00
N GLU A 97 13.42 -5.68 9.75
CA GLU A 97 14.36 -5.53 10.86
C GLU A 97 14.04 -4.30 11.70
N ILE A 98 13.52 -3.24 11.06
CA ILE A 98 13.25 -2.00 11.80
C ILE A 98 12.05 -2.14 12.72
N MET A 99 11.18 -3.11 12.48
CA MET A 99 10.05 -3.31 13.39
C MET A 99 10.49 -4.02 14.67
N LYS A 100 11.57 -4.81 14.62
CA LYS A 100 12.02 -5.50 15.83
C LYS A 100 12.95 -4.64 16.68
N GLU A 101 13.94 -3.99 16.07
CA GLU A 101 14.86 -3.11 16.78
C GLU A 101 14.95 -1.78 16.04
N PRO A 102 13.91 -0.95 16.12
CA PRO A 102 13.90 0.30 15.34
C PRO A 102 15.15 1.14 15.55
N ARG A 103 15.69 1.14 16.76
CA ARG A 103 16.78 2.06 17.06
C ARG A 103 18.05 1.66 16.33
N VAL A 104 18.22 0.37 16.05
CA VAL A 104 19.39 -0.09 15.31
C VAL A 104 19.30 0.29 13.84
N HIS A 105 18.10 0.37 13.28
CA HIS A 105 17.97 0.51 11.84
C HIS A 105 17.45 1.88 11.42
N LYS A 106 17.30 2.81 12.38
CA LYS A 106 16.87 4.16 12.04
C LYS A 106 17.72 4.75 10.92
N GLU A 107 19.04 4.68 11.08
CA GLU A 107 19.91 5.32 10.09
C GLU A 107 19.81 4.64 8.74
N LYS A 108 19.88 3.30 8.71
CA LYS A 108 19.64 2.55 7.48
C LYS A 108 18.34 3.00 6.81
N PHE A 109 17.31 3.30 7.59
CA PHE A 109 16.05 3.79 7.02
C PHE A 109 16.23 5.15 6.38
N LEU A 110 16.86 6.09 7.11
CA LEU A 110 16.98 7.44 6.56
C LEU A 110 17.96 7.50 5.39
N LYS A 111 18.99 6.64 5.39
CA LYS A 111 19.85 6.56 4.22
C LYS A 111 19.07 6.12 2.99
N ILE A 112 18.14 5.18 3.17
CA ILE A 112 17.40 4.63 2.03
C ILE A 112 16.58 5.72 1.36
N TRP A 113 15.92 6.55 2.16
CA TRP A 113 15.11 7.61 1.56
C TRP A 113 15.95 8.74 0.98
N GLN A 114 17.20 8.89 1.44
CA GLN A 114 18.09 9.87 0.83
C GLN A 114 18.39 9.51 -0.61
N GLN A 115 18.75 8.24 -0.85
CA GLN A 115 19.02 7.78 -2.20
C GLN A 115 17.79 7.89 -3.08
N ILE A 116 16.65 7.40 -2.61
CA ILE A 116 15.44 7.44 -3.45
C ILE A 116 15.11 8.88 -3.84
N ALA A 117 15.15 9.81 -2.88
CA ALA A 117 14.76 11.18 -3.19
C ALA A 117 15.75 11.87 -4.12
N ASN A 118 17.06 11.64 -3.92
CA ASN A 118 18.07 12.18 -4.82
C ASN A 118 17.89 11.70 -6.24
N ARG A 119 17.40 10.47 -6.42
CA ARG A 119 17.44 9.80 -7.71
C ARG A 119 16.21 10.06 -8.57
N TYR A 120 15.06 10.33 -7.95
CA TYR A 120 13.84 10.63 -8.69
C TYR A 120 13.36 12.05 -8.40
N GLN A 121 14.30 12.97 -8.09
CA GLN A 121 13.92 14.31 -7.70
C GLN A 121 13.29 15.10 -8.85
N LYS A 122 13.75 14.85 -10.09
CA LYS A 122 13.20 15.52 -11.26
C LYS A 122 11.96 14.84 -11.81
N TYR A 123 11.60 13.67 -11.29
CA TYR A 123 10.53 12.88 -11.91
C TYR A 123 9.20 13.62 -11.83
N ASP A 124 8.28 13.19 -12.69
CA ASP A 124 6.98 13.81 -12.79
C ASP A 124 6.27 13.81 -11.44
N LYS A 125 5.38 14.79 -11.25
CA LYS A 125 4.59 14.86 -10.04
C LYS A 125 3.91 13.53 -9.74
N LYS A 126 3.56 12.78 -10.79
CA LYS A 126 2.77 11.57 -10.61
C LYS A 126 3.51 10.48 -9.85
N LEU A 127 4.81 10.65 -9.59
CA LEU A 127 5.54 9.72 -8.73
C LEU A 127 5.39 10.15 -7.27
N VAL A 128 4.79 9.27 -6.45
CA VAL A 128 4.49 9.54 -5.05
C VAL A 128 5.33 8.64 -4.14
N PHE A 129 5.71 9.17 -2.99
CA PHE A 129 6.57 8.45 -2.04
C PHE A 129 5.77 7.95 -0.84
N GLU A 130 5.87 6.66 -0.54
CA GLU A 130 5.27 6.08 0.66
C GLU A 130 6.37 5.53 1.56
N LEU A 131 6.50 6.12 2.75
CA LEU A 131 7.74 5.98 3.53
C LEU A 131 7.92 4.57 4.09
N LEU A 132 6.92 4.04 4.80
CA LEU A 132 7.13 2.77 5.49
C LEU A 132 5.79 2.05 5.61
N ASN A 133 5.62 0.97 4.83
CA ASN A 133 4.40 0.18 4.93
C ASN A 133 4.25 -0.47 6.31
N GLU A 134 3.05 -0.32 6.89
CA GLU A 134 2.59 -1.02 8.08
C GLU A 134 3.66 -1.05 9.18
N PRO A 135 3.99 0.10 9.75
CA PRO A 135 4.76 0.09 11.02
C PRO A 135 4.06 -0.79 12.03
N LYS A 136 4.86 -1.60 12.75
CA LYS A 136 4.33 -2.61 13.65
C LYS A 136 5.35 -2.95 14.73
N GLU A 137 4.91 -3.73 15.71
CA GLU A 137 5.77 -4.36 16.71
C GLU A 137 6.44 -3.27 17.55
N ASN A 138 7.76 -3.14 17.52
CA ASN A 138 8.49 -2.28 18.43
C ASN A 138 8.68 -0.86 17.93
N LEU A 139 8.39 -0.59 16.64
CA LEU A 139 8.44 0.77 16.12
C LEU A 139 7.12 1.48 16.44
N TYR A 140 6.95 1.80 17.72
CA TYR A 140 5.72 2.39 18.22
C TYR A 140 5.68 3.87 17.90
N SER A 141 4.54 4.50 18.22
CA SER A 141 4.20 5.76 17.59
C SER A 141 5.26 6.83 17.84
N GLN A 142 5.73 6.97 19.07
CA GLN A 142 6.60 8.11 19.35
C GLN A 142 7.93 8.01 18.62
N LEU A 143 8.44 6.79 18.39
CA LEU A 143 9.58 6.61 17.48
C LEU A 143 9.16 6.80 16.02
N LEU A 144 8.05 6.18 15.60
CA LEU A 144 7.62 6.29 14.22
C LEU A 144 7.51 7.74 13.80
N ASN A 145 6.81 8.55 14.59
CA ASN A 145 6.68 9.97 14.28
C ASN A 145 8.04 10.65 14.18
N GLU A 146 8.95 10.37 15.12
CA GLU A 146 10.28 10.96 15.06
C GLU A 146 11.00 10.58 13.78
N TYR A 147 10.91 9.31 13.36
CA TYR A 147 11.56 8.91 12.11
C TYR A 147 10.84 9.47 10.90
N ILE A 148 9.51 9.59 10.95
CA ILE A 148 8.77 10.14 9.82
C ILE A 148 9.17 11.60 9.60
N GLU A 149 9.19 12.40 10.67
CA GLU A 149 9.59 13.79 10.54
C GLU A 149 11.02 13.90 10.00
N GLU A 150 11.91 13.02 10.46
CA GLU A 150 13.29 13.10 9.99
C GLU A 150 13.41 12.73 8.52
N ALA A 151 12.56 11.83 8.03
CA ALA A 151 12.66 11.43 6.63
C ALA A 151 12.09 12.46 5.68
N ILE A 152 11.02 13.16 6.10
CA ILE A 152 10.40 14.15 5.23
C ILE A 152 11.33 15.35 5.04
N LYS A 153 12.06 15.74 6.09
CA LYS A 153 12.96 16.88 5.98
C LYS A 153 14.15 16.58 5.08
N ILE A 154 14.63 15.34 5.08
CA ILE A 154 15.65 14.94 4.10
C ILE A 154 15.07 15.00 2.70
N ILE A 155 13.93 14.31 2.48
CA ILE A 155 13.35 14.27 1.15
C ILE A 155 13.05 15.68 0.66
N ARG A 156 12.59 16.55 1.56
CA ARG A 156 12.10 17.86 1.16
C ARG A 156 13.20 18.78 0.64
N LYS A 157 14.47 18.38 0.73
CA LYS A 157 15.51 19.21 0.14
C LYS A 157 15.58 19.04 -1.37
N THR A 158 15.35 17.83 -1.87
CA THR A 158 15.33 17.65 -3.32
C THR A 158 13.91 17.52 -3.89
N ASN A 159 12.94 17.08 -3.10
CA ASN A 159 11.56 16.91 -3.54
C ASN A 159 10.68 17.76 -2.62
N PRO A 160 10.58 19.06 -2.88
CA PRO A 160 9.89 19.94 -1.92
C PRO A 160 8.37 19.90 -2.01
N LYS A 161 7.81 19.41 -3.12
CA LYS A 161 6.35 19.38 -3.28
C LYS A 161 5.80 18.00 -3.63
N ARG A 162 6.65 17.00 -3.90
CA ARG A 162 6.17 15.66 -4.17
C ARG A 162 5.26 15.17 -3.05
N THR A 163 4.25 14.40 -3.44
CA THR A 163 3.30 13.86 -2.47
C THR A 163 3.96 12.74 -1.68
N ILE A 164 3.76 12.76 -0.36
CA ILE A 164 4.35 11.80 0.57
C ILE A 164 3.21 11.19 1.37
N ILE A 165 3.21 9.86 1.49
CA ILE A 165 2.16 9.10 2.16
C ILE A 165 2.75 8.49 3.43
N VAL A 166 2.14 8.81 4.58
CA VAL A 166 2.48 8.21 5.86
C VAL A 166 1.24 7.49 6.41
N GLY A 167 1.43 6.70 7.48
CA GLY A 167 0.36 5.91 8.04
C GLY A 167 0.60 5.54 9.49
N PRO A 168 -0.45 5.12 10.21
CA PRO A 168 -0.34 4.94 11.65
C PRO A 168 0.27 3.58 12.00
N TYR A 169 0.54 3.43 13.29
CA TYR A 169 1.18 2.25 13.85
C TYR A 169 0.23 1.05 13.78
N ASN A 170 0.81 -0.13 13.98
CA ASN A 170 0.09 -1.40 14.09
C ASN A 170 -0.59 -1.74 12.76
N PHE A 171 0.18 -1.74 11.68
CA PHE A 171 -0.29 -2.21 10.38
C PHE A 171 -1.19 -1.17 9.69
N TYR A 172 -0.88 0.11 9.87
CA TYR A 172 -1.71 1.20 9.31
C TYR A 172 -3.15 1.11 9.81
N GLN A 173 -3.31 0.98 11.13
CA GLN A 173 -4.61 0.64 11.69
C GLN A 173 -5.40 1.90 12.05
N ILE A 174 -6.70 1.86 11.78
CA ILE A 174 -7.56 3.01 12.10
C ILE A 174 -7.39 3.41 13.55
N ASP A 175 -7.32 2.42 14.44
CA ASP A 175 -7.23 2.67 15.87
C ASP A 175 -5.97 3.44 16.27
N TYR A 176 -4.96 3.58 15.41
CA TYR A 176 -3.76 4.29 15.81
C TYR A 176 -3.58 5.61 15.09
N LEU A 177 -4.59 6.07 14.33
CA LEU A 177 -4.50 7.37 13.67
C LEU A 177 -4.35 8.48 14.69
N ASN A 178 -5.05 8.39 15.83
CA ASN A 178 -4.98 9.44 16.84
C ASN A 178 -3.55 9.66 17.35
N GLU A 179 -2.70 8.65 17.28
CA GLU A 179 -1.32 8.86 17.73
C GLU A 179 -0.39 9.31 16.61
N LEU A 180 -0.83 9.21 15.37
CA LEU A 180 -0.02 9.65 14.23
C LEU A 180 0.01 11.18 14.15
N ASN A 181 1.21 11.73 14.09
CA ASN A 181 1.43 13.17 14.03
C ASN A 181 1.41 13.66 12.58
N ILE A 182 0.55 14.62 12.28
CA ILE A 182 0.55 15.24 10.96
C ILE A 182 1.73 16.22 10.88
N PRO A 183 2.67 16.03 9.95
CA PRO A 183 3.82 16.93 9.85
C PRO A 183 3.44 18.32 9.33
N LYS A 184 4.42 19.21 9.44
CA LYS A 184 4.33 20.59 8.94
C LYS A 184 4.54 20.52 7.43
N ASP A 185 3.43 20.35 6.70
CA ASP A 185 3.65 20.05 5.29
C ASP A 185 2.36 19.86 4.53
N SER A 186 2.19 20.62 3.43
CA SER A 186 0.93 20.64 2.69
C SER A 186 0.75 19.41 1.80
N ASN A 187 1.85 18.77 1.39
CA ASN A 187 1.81 17.70 0.39
C ASN A 187 2.02 16.35 1.06
N ILE A 188 1.07 15.94 1.88
CA ILE A 188 1.14 14.68 2.60
C ILE A 188 -0.24 14.04 2.60
N VAL A 189 -0.33 12.78 2.18
CA VAL A 189 -1.55 11.99 2.27
C VAL A 189 -1.38 10.96 3.37
N VAL A 190 -2.46 10.70 4.13
CA VAL A 190 -2.43 9.71 5.21
C VAL A 190 -3.15 8.45 4.75
N SER A 191 -2.55 7.29 5.05
CA SER A 191 -3.03 6.02 4.52
C SER A 191 -3.43 5.06 5.64
N PHE A 192 -4.52 4.35 5.43
CA PHE A 192 -4.88 3.24 6.31
C PHE A 192 -5.09 2.00 5.47
N HIS A 193 -4.94 0.83 6.10
CA HIS A 193 -5.33 -0.43 5.49
C HIS A 193 -6.59 -0.97 6.18
N TYR A 194 -7.34 -1.79 5.44
CA TYR A 194 -8.66 -2.20 5.90
C TYR A 194 -8.98 -3.58 5.35
N TYR A 195 -9.18 -4.52 6.25
CA TYR A 195 -9.41 -5.92 5.95
C TYR A 195 -10.36 -6.54 6.96
N GLU A 196 -11.26 -5.74 7.53
CA GLU A 196 -12.16 -6.20 8.61
C GLU A 196 -13.49 -6.67 8.04
N PRO A 197 -14.02 -7.80 8.56
CA PRO A 197 -13.33 -8.61 9.57
C PRO A 197 -12.22 -9.48 8.97
N ASN A 198 -11.13 -9.65 9.73
CA ASN A 198 -9.94 -10.36 9.25
C ASN A 198 -10.23 -11.82 8.89
N ASP A 199 -11.08 -12.50 9.67
CA ASP A 199 -11.28 -13.91 9.38
C ASP A 199 -11.99 -14.10 8.05
N PHE A 200 -12.87 -13.16 7.65
CA PHE A 200 -13.50 -13.27 6.35
C PHE A 200 -12.55 -12.90 5.21
N ALA A 201 -11.79 -11.81 5.36
CA ALA A 201 -10.92 -11.33 4.28
C ALA A 201 -9.73 -12.24 4.00
N PHE A 202 -9.19 -12.93 5.04
CA PHE A 202 -7.97 -13.71 4.91
C PHE A 202 -8.20 -15.21 4.79
N GLN A 203 -9.46 -15.66 4.81
CA GLN A 203 -9.73 -17.09 5.01
C GLN A 203 -9.03 -17.95 3.96
N GLY A 204 -8.30 -18.96 4.44
CA GLY A 204 -7.71 -19.96 3.57
C GLY A 204 -6.40 -19.56 2.93
N ASN A 205 -5.90 -18.36 3.22
CA ASN A 205 -4.67 -17.87 2.61
C ASN A 205 -3.44 -18.31 3.42
N ILE A 206 -2.51 -18.98 2.74
CA ILE A 206 -1.33 -19.55 3.39
C ILE A 206 -0.38 -18.47 3.89
N TYR A 207 -0.32 -17.32 3.24
CA TYR A 207 0.61 -16.27 3.63
C TYR A 207 0.16 -15.55 4.89
N HIS A 208 -1.04 -15.82 5.38
CA HIS A 208 -1.61 -15.08 6.51
C HIS A 208 -1.62 -16.04 7.69
N LYS A 209 -0.53 -15.98 8.41
CA LYS A 209 -0.35 -16.82 9.57
C LYS A 209 -1.52 -16.67 10.52
N GLY A 210 -2.07 -17.80 10.94
CA GLY A 210 -3.24 -17.82 11.78
C GLY A 210 -4.55 -17.89 11.02
N PHE A 211 -4.55 -17.74 9.70
CA PHE A 211 -5.80 -17.75 8.93
C PHE A 211 -5.89 -18.87 7.90
N GLU A 212 -4.86 -19.72 7.80
CA GLU A 212 -4.73 -20.62 6.66
C GLU A 212 -5.75 -21.76 6.65
N HIS A 213 -6.40 -22.07 7.78
CA HIS A 213 -7.34 -23.18 7.85
C HIS A 213 -8.77 -22.73 8.10
N LEU A 214 -9.06 -21.44 7.98
CA LEU A 214 -10.46 -21.00 7.97
C LEU A 214 -11.12 -21.46 6.68
N SER A 215 -12.45 -21.50 6.69
CA SER A 215 -13.16 -22.04 5.55
C SER A 215 -14.62 -21.59 5.57
N ASN A 216 -15.08 -21.12 4.40
CA ASN A 216 -16.52 -20.91 4.16
C ASN A 216 -17.14 -19.91 5.12
N ILE A 217 -16.42 -18.82 5.37
CA ILE A 217 -16.96 -17.69 6.14
C ILE A 217 -17.60 -16.71 5.17
N THR A 218 -18.80 -16.23 5.50
CA THR A 218 -19.58 -15.40 4.60
C THR A 218 -19.65 -13.95 5.09
N TRP A 219 -19.81 -13.03 4.13
CA TRP A 219 -20.12 -11.63 4.38
C TRP A 219 -21.31 -11.34 3.46
N GLU A 220 -22.51 -11.35 4.02
CA GLU A 220 -23.73 -11.19 3.23
C GLU A 220 -24.19 -9.75 3.13
N GLY A 221 -23.56 -8.83 3.85
CA GLY A 221 -23.98 -7.44 3.81
C GLY A 221 -25.13 -7.09 4.73
N THR A 222 -25.29 -7.83 5.82
CA THR A 222 -26.32 -7.57 6.81
C THR A 222 -26.22 -6.14 7.34
N ASN A 223 -27.28 -5.72 8.04
CA ASN A 223 -27.34 -4.35 8.54
C ASN A 223 -26.27 -4.11 9.60
N GLU A 224 -26.04 -5.08 10.48
CA GLU A 224 -24.94 -4.96 11.44
C GLU A 224 -23.58 -4.95 10.73
N GLN A 225 -23.44 -5.74 9.66
CA GLN A 225 -22.19 -5.75 8.91
C GLN A 225 -21.96 -4.40 8.21
N MET A 226 -23.01 -3.87 7.54
CA MET A 226 -22.89 -2.55 6.93
C MET A 226 -22.66 -1.46 7.96
N ASP A 227 -23.33 -1.57 9.12
CA ASP A 227 -23.18 -0.60 10.20
C ASP A 227 -21.75 -0.53 10.71
N TYR A 228 -21.13 -1.70 10.92
CA TYR A 228 -19.75 -1.71 11.40
C TYR A 228 -18.83 -1.00 10.41
N LEU A 229 -18.87 -1.43 9.15
CA LEU A 229 -18.04 -0.79 8.12
C LEU A 229 -18.21 0.71 8.12
N LYS A 230 -19.45 1.20 8.26
CA LYS A 230 -19.67 2.63 8.17
C LYS A 230 -19.10 3.35 9.38
N LYS A 231 -19.22 2.75 10.56
CA LYS A 231 -18.69 3.40 11.75
C LYS A 231 -17.16 3.43 11.76
N ARG A 232 -16.54 2.36 11.26
CA ARG A 232 -15.07 2.37 11.14
C ARG A 232 -14.62 3.48 10.23
N PHE A 233 -15.33 3.69 9.11
CA PHE A 233 -14.97 4.74 8.16
C PHE A 233 -15.36 6.13 8.66
N ASP A 234 -16.46 6.23 9.42
CA ASP A 234 -16.70 7.45 10.21
C ASP A 234 -15.45 7.85 11.00
N THR A 235 -14.86 6.88 11.71
CA THR A 235 -13.73 7.21 12.58
C THR A 235 -12.59 7.85 11.79
N VAL A 236 -12.33 7.35 10.57
CA VAL A 236 -11.24 7.86 9.76
C VAL A 236 -11.62 9.22 9.17
N GLU A 237 -12.82 9.33 8.61
CA GLU A 237 -13.26 10.60 8.06
C GLU A 237 -13.20 11.69 9.12
N ASN A 238 -13.80 11.43 10.28
CA ASN A 238 -13.76 12.40 11.37
C ASN A 238 -12.33 12.85 11.62
N TRP A 239 -11.41 11.89 11.85
CA TRP A 239 -10.01 12.23 12.06
C TRP A 239 -9.46 13.12 10.94
N ALA A 240 -9.75 12.74 9.68
CA ALA A 240 -9.19 13.48 8.54
C ALA A 240 -9.76 14.90 8.44
N ASN A 241 -11.04 15.08 8.72
CA ASN A 241 -11.60 16.43 8.82
C ASN A 241 -10.82 17.27 9.82
N LYS A 242 -10.73 16.81 11.07
CA LYS A 242 -10.08 17.58 12.12
C LYS A 242 -8.63 17.91 11.80
N ASN A 243 -7.97 17.09 11.00
CA ASN A 243 -6.55 17.25 10.75
C ASN A 243 -6.25 17.78 9.34
N ASN A 244 -7.28 18.13 8.57
CA ASN A 244 -7.14 18.61 7.19
C ASN A 244 -6.07 17.84 6.42
N VAL A 245 -6.34 16.56 6.17
CA VAL A 245 -5.49 15.72 5.33
C VAL A 245 -6.42 14.85 4.48
N LYS A 246 -5.97 14.53 3.28
CA LYS A 246 -6.69 13.55 2.50
C LYS A 246 -6.18 12.14 2.79
N ILE A 247 -7.09 11.17 2.66
CA ILE A 247 -6.88 9.80 3.11
C ILE A 247 -6.80 8.89 1.89
N PHE A 248 -5.95 7.88 1.98
CA PHE A 248 -5.73 6.93 0.90
C PHE A 248 -5.88 5.54 1.50
N LEU A 249 -6.87 4.79 1.05
CA LEU A 249 -7.05 3.39 1.47
C LEU A 249 -6.07 2.53 0.67
N GLY A 250 -4.83 2.43 1.15
CA GLY A 250 -3.75 1.86 0.34
C GLY A 250 -3.84 0.37 0.06
N GLU A 251 -4.54 -0.38 0.90
CA GLU A 251 -4.75 -1.81 0.69
C GLU A 251 -6.15 -2.17 1.18
N PHE A 252 -6.90 -2.91 0.37
CA PHE A 252 -8.05 -3.62 0.87
C PHE A 252 -8.32 -4.73 -0.12
N GLY A 253 -8.79 -5.87 0.36
CA GLY A 253 -9.08 -6.95 -0.57
C GLY A 253 -9.45 -8.21 0.16
N VAL A 254 -9.67 -9.26 -0.62
CA VAL A 254 -10.19 -10.52 -0.11
C VAL A 254 -9.55 -11.68 -0.85
N THR A 255 -9.13 -12.71 -0.10
CA THR A 255 -8.49 -13.84 -0.73
C THR A 255 -9.44 -14.56 -1.67
N LYS A 256 -8.84 -15.23 -2.67
CA LYS A 256 -9.63 -15.98 -3.63
C LYS A 256 -10.38 -17.13 -2.99
N GLU A 257 -9.87 -17.70 -1.90
CA GLU A 257 -10.51 -18.89 -1.32
C GLU A 257 -11.89 -18.58 -0.73
N ALA A 258 -12.25 -17.31 -0.58
CA ALA A 258 -13.50 -16.98 0.10
C ALA A 258 -14.70 -17.22 -0.80
N PRO A 259 -15.91 -17.24 -0.24
CA PRO A 259 -17.10 -17.53 -1.04
C PRO A 259 -17.37 -16.44 -2.08
N GLU A 260 -17.33 -16.86 -3.36
CA GLU A 260 -17.44 -15.97 -4.51
C GLU A 260 -18.32 -14.75 -4.28
N THR A 261 -19.53 -14.97 -3.77
CA THR A 261 -20.54 -13.92 -3.73
C THR A 261 -20.29 -12.91 -2.61
N SER A 262 -19.85 -13.39 -1.43
CA SER A 262 -19.48 -12.47 -0.37
C SER A 262 -18.28 -11.63 -0.78
N ARG A 263 -17.31 -12.27 -1.44
CA ARG A 263 -16.11 -11.56 -1.87
C ARG A 263 -16.48 -10.33 -2.70
N ARG A 264 -17.35 -10.50 -3.69
CA ARG A 264 -17.75 -9.38 -4.52
C ARG A 264 -18.44 -8.31 -3.68
N ALA A 265 -19.35 -8.72 -2.79
CA ALA A 265 -20.14 -7.76 -2.02
C ALA A 265 -19.27 -6.97 -1.04
N TRP A 266 -18.38 -7.65 -0.33
CA TRP A 266 -17.44 -6.93 0.54
C TRP A 266 -16.64 -5.91 -0.27
N VAL A 267 -16.03 -6.34 -1.37
CA VAL A 267 -15.17 -5.43 -2.13
C VAL A 267 -15.96 -4.24 -2.64
N LYS A 268 -17.15 -4.50 -3.22
CA LYS A 268 -17.98 -3.39 -3.66
C LYS A 268 -18.25 -2.45 -2.49
N ALA A 269 -18.69 -3.01 -1.37
CA ALA A 269 -19.13 -2.19 -0.24
C ALA A 269 -17.98 -1.33 0.28
N VAL A 270 -16.79 -1.90 0.38
CA VAL A 270 -15.65 -1.14 0.88
C VAL A 270 -15.26 -0.07 -0.13
N ARG A 271 -15.13 -0.47 -1.40
CA ARG A 271 -14.81 0.51 -2.44
C ARG A 271 -15.82 1.65 -2.42
N GLU A 272 -17.12 1.30 -2.40
CA GLU A 272 -18.15 2.32 -2.38
C GLU A 272 -18.00 3.24 -1.16
N GLU A 273 -17.77 2.65 0.05
CA GLU A 273 -17.65 3.49 1.24
C GLU A 273 -16.45 4.41 1.14
N ALA A 274 -15.35 3.91 0.60
CA ALA A 274 -14.17 4.75 0.35
C ALA A 274 -14.52 5.96 -0.50
N GLU A 275 -15.00 5.70 -1.72
CA GLU A 275 -15.37 6.78 -2.62
C GLU A 275 -16.40 7.71 -1.99
N LYS A 276 -17.38 7.14 -1.27
CA LYS A 276 -18.40 7.98 -0.63
C LYS A 276 -17.77 9.06 0.26
N ARG A 277 -16.63 8.77 0.89
CA ARG A 277 -16.04 9.72 1.82
C ARG A 277 -14.84 10.45 1.23
N ASN A 278 -14.64 10.38 -0.09
CA ASN A 278 -13.57 11.10 -0.79
C ASN A 278 -12.19 10.48 -0.54
N PHE A 279 -12.16 9.19 -0.16
CA PHE A 279 -10.91 8.44 0.00
C PHE A 279 -10.45 7.91 -1.35
N SER A 280 -9.20 8.18 -1.73
CA SER A 280 -8.57 7.37 -2.76
C SER A 280 -8.36 5.94 -2.24
N TRP A 281 -8.18 4.99 -3.15
CA TRP A 281 -8.08 3.61 -2.71
C TRP A 281 -7.21 2.83 -3.69
N ALA A 282 -6.68 1.70 -3.21
CA ALA A 282 -5.93 0.78 -4.06
C ALA A 282 -6.22 -0.64 -3.59
N TYR A 283 -6.76 -1.45 -4.50
CA TYR A 283 -7.19 -2.80 -4.18
C TYR A 283 -5.97 -3.66 -3.87
N TRP A 284 -6.06 -4.47 -2.81
CA TRP A 284 -4.88 -5.30 -2.53
C TRP A 284 -4.97 -6.48 -3.45
N GLU A 285 -4.41 -6.24 -4.62
CA GLU A 285 -3.46 -7.13 -5.23
C GLU A 285 -3.92 -7.59 -6.62
N LEU A 286 -3.05 -7.42 -7.60
CA LEU A 286 -3.41 -7.68 -8.99
C LEU A 286 -3.58 -9.17 -9.28
N ALA A 287 -2.53 -9.98 -9.02
CA ALA A 287 -2.44 -11.28 -9.68
C ALA A 287 -2.02 -12.43 -8.77
N SER A 288 -2.17 -12.29 -7.45
CA SER A 288 -1.68 -13.32 -6.52
C SER A 288 -2.87 -13.94 -5.80
N GLY A 289 -2.68 -14.29 -4.51
CA GLY A 289 -3.70 -14.99 -3.77
C GLY A 289 -4.96 -14.17 -3.48
N PHE A 290 -4.86 -12.84 -3.58
CA PHE A 290 -6.02 -11.94 -3.51
C PHE A 290 -6.43 -11.41 -4.89
N GLY A 291 -5.89 -11.97 -5.97
CA GLY A 291 -5.87 -11.27 -7.24
C GLY A 291 -7.22 -11.28 -7.96
N ILE A 292 -7.27 -10.46 -9.01
CA ILE A 292 -8.44 -10.37 -9.89
C ILE A 292 -7.99 -10.30 -11.35
N TYR A 293 -6.83 -10.86 -11.64
CA TYR A 293 -6.18 -10.69 -12.94
C TYR A 293 -5.21 -11.83 -13.13
N ASN A 294 -5.33 -12.55 -14.26
CA ASN A 294 -4.54 -13.74 -14.53
C ASN A 294 -3.27 -13.32 -15.28
N GLN A 295 -2.12 -13.37 -14.59
CA GLN A 295 -0.90 -12.83 -15.18
C GLN A 295 -0.44 -13.61 -16.41
N ILE A 296 -0.92 -14.85 -16.59
CA ILE A 296 -0.47 -15.66 -17.72
C ILE A 296 -1.26 -15.33 -18.99
N GLU A 297 -2.55 -15.07 -18.87
CA GLU A 297 -3.35 -14.78 -20.05
C GLU A 297 -3.75 -13.31 -20.19
N GLY A 298 -3.50 -12.48 -19.18
CA GLY A 298 -3.85 -11.07 -19.28
C GLY A 298 -5.33 -10.78 -19.21
N THR A 299 -6.11 -11.62 -18.53
CA THR A 299 -7.55 -11.46 -18.42
C THR A 299 -7.95 -11.11 -16.99
N TRP A 300 -9.08 -10.41 -16.86
CA TRP A 300 -9.59 -9.96 -15.56
C TRP A 300 -10.74 -10.84 -15.09
N ASP A 301 -10.99 -10.79 -13.78
CA ASP A 301 -12.16 -11.43 -13.16
C ASP A 301 -13.21 -10.34 -13.15
N ARG A 302 -14.04 -10.33 -14.21
CA ARG A 302 -15.02 -9.26 -14.38
C ARG A 302 -15.89 -9.10 -13.15
N ASP A 303 -16.18 -10.21 -12.47
CA ASP A 303 -17.07 -10.16 -11.32
C ASP A 303 -16.51 -9.29 -10.20
N ILE A 304 -15.21 -9.39 -9.93
CA ILE A 304 -14.63 -8.51 -8.92
C ILE A 304 -14.28 -7.16 -9.50
N LEU A 305 -13.79 -7.12 -10.75
CA LEU A 305 -13.45 -5.84 -11.36
C LEU A 305 -14.67 -4.93 -11.40
N SER A 306 -15.85 -5.51 -11.63
CA SER A 306 -17.08 -4.73 -11.67
C SER A 306 -17.37 -4.09 -10.31
N ALA A 307 -16.97 -4.75 -9.22
CA ALA A 307 -17.16 -4.16 -7.90
C ALA A 307 -16.27 -2.93 -7.71
N LEU A 308 -15.08 -2.93 -8.32
CA LEU A 308 -14.15 -1.82 -8.13
C LEU A 308 -14.44 -0.66 -9.06
N ILE A 309 -14.72 -0.95 -10.33
CA ILE A 309 -14.90 0.09 -11.34
C ILE A 309 -16.13 -0.25 -12.16
N GLU A 310 -17.13 0.62 -12.15
CA GLU A 310 -18.34 0.36 -12.95
C GLU A 310 -18.12 0.58 -14.44
C2 BGC B . 1.01 -11.92 1.15
C3 BGC B . 2.10 -12.25 2.12
C4 BGC B . 2.69 -10.94 2.59
C5 BGC B . 1.62 -10.02 3.19
C6 BGC B . 2.00 -8.50 3.33
C1 BGC B . -0.09 -11.34 2.00
O1 BGC B . -1.15 -11.03 1.13
O2 BGC B . 0.54 -13.14 0.64
O3 BGC B . 3.06 -13.16 1.57
O4 BGC B . 3.62 -11.31 3.61
O5 BGC B . 0.29 -10.16 2.64
O6 BGC B . 1.92 -7.60 2.21
#